data_3P8V
#
_entry.id   3P8V
#
_cell.length_a   58.330
_cell.length_b   61.500
_cell.length_c   155.990
_cell.angle_alpha   90.00
_cell.angle_beta   90.00
_cell.angle_gamma   90.00
#
_symmetry.space_group_name_H-M   'P 21 21 21'
#
loop_
_entity.id
_entity.type
_entity.pdbx_description
1 polymer 'AsnS-like asparaginyl-tRNA synthetase related protein'
2 non-polymer 'ASPARTIC ACID'
3 water water
#
_entity_poly.entity_id   1
_entity_poly.type   'polypeptide(L)'
_entity_poly.pdbx_seq_one_letter_code
;MNAVEIISRDIYKAIDIQTKILDYMTKFFTDRGFKWLLPIMLSPITDPLWPDPAGEGIRPAEVDVYGVRMRLTHSMILHK
QLAIAMGLEKIFVLSPNIRLESRRKDDGRHSYEFTQLDFEIEGAKMKDVMRLIEELIYGLFRKAEEWTGREFPRARHFKV
YDYKDILEEFGSDEKASMEMEEPFWIVNIPREFYDREENGVWKNYDLILPYGYGEVSSGGEREWEYEKIVAKIRAAGLKE
DSFRPYLEIARAGKLKPSAGAGIGVERLVRFIVGAKHIAEVQPFPRVPGIPAVI
;
_entity_poly.pdbx_strand_id   A,B
#
# COMPACT_ATOMS: atom_id res chain seq x y z
N MET A 1 1.56 23.28 -6.97
CA MET A 1 2.71 23.67 -6.14
C MET A 1 4.00 23.03 -6.62
N ASN A 2 5.10 23.78 -6.53
CA ASN A 2 6.41 23.26 -6.87
C ASN A 2 7.03 22.51 -5.69
N ALA A 3 8.07 21.73 -5.96
CA ALA A 3 8.66 20.84 -4.95
C ALA A 3 8.95 21.50 -3.62
N VAL A 4 9.71 22.60 -3.64
CA VAL A 4 10.11 23.26 -2.39
C VAL A 4 8.91 23.81 -1.62
N GLU A 5 7.89 24.26 -2.35
CA GLU A 5 6.68 24.78 -1.74
C GLU A 5 5.93 23.67 -1.00
N ILE A 6 5.86 22.50 -1.62
CA ILE A 6 5.18 21.36 -1.04
C ILE A 6 5.80 20.89 0.28
N ILE A 7 7.13 20.82 0.31
CA ILE A 7 7.81 20.34 1.51
C ILE A 7 7.80 21.37 2.65
N SER A 8 7.42 22.60 2.31
CA SER A 8 7.43 23.70 3.29
C SER A 8 6.17 23.77 4.14
N ARG A 9 5.10 23.10 3.71
CA ARG A 9 3.84 23.14 4.43
C ARG A 9 3.96 22.50 5.82
N ASP A 10 3.16 22.98 6.76
CA ASP A 10 3.09 22.38 8.09
C ASP A 10 1.91 21.41 8.18
N ILE A 11 2.18 20.13 8.02
CA ILE A 11 1.13 19.13 8.06
C ILE A 11 1.38 18.13 9.17
N TYR A 12 2.21 18.52 10.14
CA TYR A 12 2.53 17.65 11.26
C TYR A 12 1.27 17.15 11.97
N LYS A 13 0.36 18.08 12.27
CA LYS A 13 -0.90 17.74 12.95
C LYS A 13 -1.73 16.73 12.18
N ALA A 14 -1.85 16.95 10.87
CA ALA A 14 -2.63 16.03 10.03
C ALA A 14 -2.03 14.62 10.01
N ILE A 15 -0.70 14.54 9.99
CA ILE A 15 -0.04 13.24 9.95
C ILE A 15 -0.09 12.54 11.32
N ASP A 16 -0.06 13.31 12.40
CA ASP A 16 -0.24 12.78 13.74
C ASP A 16 -1.63 12.14 13.86
N ILE A 17 -2.64 12.86 13.36
CA ILE A 17 -4.00 12.32 13.36
C ILE A 17 -4.10 11.07 12.47
N GLN A 18 -3.46 11.12 11.32
CA GLN A 18 -3.49 9.99 10.39
C GLN A 18 -2.93 8.74 11.06
N THR A 19 -1.86 8.91 11.82
CA THR A 19 -1.21 7.79 12.50
C THR A 19 -2.18 7.15 13.49
N LYS A 20 -2.87 7.99 14.26
CA LYS A 20 -3.84 7.50 15.25
C LYS A 20 -5.04 6.82 14.59
N ILE A 21 -5.48 7.35 13.46
CA ILE A 21 -6.58 6.75 12.71
C ILE A 21 -6.20 5.37 12.17
N LEU A 22 -5.02 5.27 11.55
CA LEU A 22 -4.57 3.99 11.03
C LEU A 22 -4.40 2.95 12.14
N ASP A 23 -3.86 3.37 13.27
CA ASP A 23 -3.71 2.48 14.41
C ASP A 23 -5.08 2.00 14.86
N TYR A 24 -6.03 2.92 14.99
CA TYR A 24 -7.37 2.57 15.42
C TYR A 24 -8.07 1.64 14.44
N MET A 25 -8.02 1.97 13.15
CA MET A 25 -8.77 1.20 12.15
C MET A 25 -8.23 -0.20 11.95
N THR A 26 -6.90 -0.34 11.92
CA THR A 26 -6.33 -1.67 11.74
C THR A 26 -6.60 -2.58 12.94
N LYS A 27 -6.48 -2.02 14.14
CA LYS A 27 -6.81 -2.78 15.35
C LYS A 27 -8.28 -3.19 15.39
N PHE A 28 -9.15 -2.30 14.90
CA PHE A 28 -10.59 -2.58 14.89
C PHE A 28 -10.85 -3.90 14.17
N PHE A 29 -10.19 -4.07 13.04
CA PHE A 29 -10.38 -5.27 12.24
C PHE A 29 -9.64 -6.51 12.76
N THR A 30 -8.39 -6.35 13.20
CA THR A 30 -7.67 -7.52 13.72
C THR A 30 -8.29 -8.04 15.02
N ASP A 31 -8.84 -7.12 15.83
CA ASP A 31 -9.55 -7.50 17.05
C ASP A 31 -10.73 -8.40 16.75
N ARG A 32 -11.30 -8.25 15.55
CA ARG A 32 -12.50 -9.00 15.18
C ARG A 32 -12.17 -10.17 14.26
N GLY A 33 -10.91 -10.58 14.28
CA GLY A 33 -10.48 -11.77 13.59
C GLY A 33 -10.34 -11.65 12.07
N PHE A 34 -10.25 -10.42 11.56
CA PHE A 34 -9.99 -10.22 10.14
C PHE A 34 -8.53 -10.52 9.83
N LYS A 35 -8.28 -11.05 8.64
CA LYS A 35 -6.92 -11.27 8.14
C LYS A 35 -6.45 -10.01 7.40
N TRP A 36 -5.16 -9.72 7.55
CA TRP A 36 -4.56 -8.51 7.00
C TRP A 36 -3.76 -8.85 5.75
N LEU A 37 -4.30 -8.49 4.59
CA LEU A 37 -3.67 -8.77 3.30
C LEU A 37 -2.84 -7.60 2.80
N LEU A 38 -1.88 -7.90 1.92
CA LEU A 38 -1.09 -6.86 1.27
C LEU A 38 -1.72 -6.54 -0.10
N PRO A 39 -1.52 -5.30 -0.58
CA PRO A 39 -2.18 -4.89 -1.82
C PRO A 39 -1.51 -5.42 -3.09
N ILE A 40 -2.28 -5.45 -4.17
CA ILE A 40 -1.69 -5.65 -5.50
C ILE A 40 -1.89 -4.37 -6.29
N MET A 41 -0.91 -4.02 -7.11
CA MET A 41 -0.98 -2.79 -7.89
C MET A 41 -1.12 -3.03 -9.40
N LEU A 42 -0.77 -4.23 -9.85
CA LEU A 42 -0.80 -4.58 -11.27
C LEU A 42 -1.51 -5.93 -11.49
N SER A 43 -2.45 -5.96 -12.42
CA SER A 43 -3.20 -7.18 -12.68
C SER A 43 -3.82 -7.13 -14.06
N PRO A 44 -4.09 -8.29 -14.66
CA PRO A 44 -4.80 -8.27 -15.95
C PRO A 44 -6.20 -7.70 -15.80
N ILE A 45 -6.75 -7.75 -14.59
CA ILE A 45 -8.11 -7.27 -14.36
C ILE A 45 -8.18 -6.22 -13.27
N THR A 46 -9.14 -5.31 -13.38
CA THR A 46 -9.40 -4.37 -12.30
C THR A 46 -10.84 -3.83 -12.36
N ASP A 47 -11.25 -3.18 -11.27
CA ASP A 47 -12.56 -2.53 -11.17
C ASP A 47 -12.82 -1.62 -12.37
N PRO A 48 -13.94 -1.82 -13.10
CA PRO A 48 -14.22 -0.96 -14.26
C PRO A 48 -14.67 0.45 -13.88
N LEU A 49 -15.15 0.64 -12.65
CA LEU A 49 -15.67 1.93 -12.18
C LEU A 49 -16.79 2.42 -13.10
N TRP A 50 -17.51 1.47 -13.68
CA TRP A 50 -18.58 1.79 -14.62
C TRP A 50 -19.45 0.55 -14.81
N PRO A 51 -20.77 0.73 -14.96
CA PRO A 51 -21.50 1.99 -14.77
C PRO A 51 -21.36 2.48 -13.33
N ASP A 52 -21.47 3.79 -13.13
CA ASP A 52 -21.35 4.36 -11.79
C ASP A 52 -21.66 5.86 -11.84
N PRO A 53 -22.78 6.28 -11.23
CA PRO A 53 -23.18 7.69 -11.24
C PRO A 53 -22.09 8.59 -10.67
N ALA A 54 -21.18 8.01 -9.89
CA ALA A 54 -20.11 8.79 -9.27
C ALA A 54 -18.93 9.03 -10.21
N GLY A 55 -18.89 8.32 -11.33
CA GLY A 55 -17.77 8.40 -12.25
C GLY A 55 -18.08 8.98 -13.63
N GLU A 56 -17.02 9.26 -14.39
CA GLU A 56 -17.16 9.75 -15.76
C GLU A 56 -16.73 8.72 -16.80
N GLY A 57 -16.37 7.52 -16.33
CA GLY A 57 -16.03 6.42 -17.23
C GLY A 57 -14.55 6.36 -17.60
N ILE A 58 -13.68 6.51 -16.62
CA ILE A 58 -12.24 6.58 -16.88
C ILE A 58 -11.67 5.21 -17.26
N ARG A 59 -10.57 5.22 -18.01
CA ARG A 59 -9.86 3.98 -18.30
C ARG A 59 -8.63 3.85 -17.39
N PRO A 60 -8.35 2.62 -16.93
CA PRO A 60 -7.23 2.38 -16.01
C PRO A 60 -5.90 2.71 -16.68
N ALA A 61 -4.93 3.16 -15.90
CA ALA A 61 -3.58 3.32 -16.42
C ALA A 61 -3.07 1.90 -16.71
N GLU A 62 -2.27 1.75 -17.75
CA GLU A 62 -1.79 0.43 -18.15
C GLU A 62 -0.30 0.43 -18.39
N VAL A 63 0.35 -0.65 -17.98
CA VAL A 63 1.77 -0.85 -18.26
C VAL A 63 2.03 -2.30 -18.65
N ASP A 64 3.00 -2.51 -19.53
CA ASP A 64 3.40 -3.87 -19.91
C ASP A 64 4.35 -4.49 -18.89
N VAL A 65 4.10 -5.75 -18.58
CA VAL A 65 4.96 -6.51 -17.69
C VAL A 65 5.34 -7.76 -18.47
N TYR A 66 6.62 -7.86 -18.80
CA TYR A 66 7.12 -8.96 -19.63
C TYR A 66 6.26 -9.14 -20.88
N GLY A 67 5.88 -8.02 -21.49
CA GLY A 67 5.18 -8.03 -22.77
C GLY A 67 3.67 -8.09 -22.64
N VAL A 68 3.18 -8.29 -21.42
CA VAL A 68 1.77 -8.47 -21.16
C VAL A 68 1.12 -7.25 -20.50
N ARG A 69 0.00 -6.79 -21.07
CA ARG A 69 -0.68 -5.61 -20.57
C ARG A 69 -1.24 -5.82 -19.17
N MET A 70 -0.88 -4.94 -18.25
CA MET A 70 -1.44 -4.98 -16.90
C MET A 70 -2.14 -3.68 -16.62
N ARG A 71 -3.21 -3.75 -15.83
CA ARG A 71 -3.90 -2.54 -15.41
C ARG A 71 -3.50 -2.15 -13.99
N LEU A 72 -3.25 -0.86 -13.77
CA LEU A 72 -3.03 -0.34 -12.44
C LEU A 72 -4.34 -0.38 -11.67
N THR A 73 -4.25 -0.70 -10.39
CA THR A 73 -5.43 -0.91 -9.54
C THR A 73 -6.40 0.28 -9.46
N HIS A 74 -7.58 0.12 -10.07
CA HIS A 74 -8.69 1.05 -9.84
C HIS A 74 -9.25 0.80 -8.45
N SER A 75 -9.51 -0.47 -8.16
CA SER A 75 -9.73 -0.93 -6.80
C SER A 75 -9.52 -2.44 -6.75
N MET A 76 -9.33 -2.98 -5.56
CA MET A 76 -9.10 -4.42 -5.40
C MET A 76 -10.40 -5.22 -5.22
N ILE A 77 -11.53 -4.65 -5.64
CA ILE A 77 -12.82 -5.32 -5.46
C ILE A 77 -12.80 -6.78 -5.94
N LEU A 78 -12.32 -7.01 -7.16
CA LEU A 78 -12.36 -8.36 -7.70
C LEU A 78 -11.44 -9.28 -6.93
N HIS A 79 -10.29 -8.75 -6.52
CA HIS A 79 -9.32 -9.52 -5.73
C HIS A 79 -9.84 -9.84 -4.33
N LYS A 80 -10.66 -8.95 -3.77
CA LYS A 80 -11.31 -9.23 -2.49
C LYS A 80 -12.24 -10.44 -2.60
N GLN A 81 -12.98 -10.51 -3.70
CA GLN A 81 -13.88 -11.65 -3.89
C GLN A 81 -13.05 -12.92 -4.04
N LEU A 82 -11.92 -12.80 -4.72
CA LEU A 82 -11.03 -13.95 -4.91
C LEU A 82 -10.44 -14.41 -3.58
N ALA A 83 -10.11 -13.46 -2.71
CA ALA A 83 -9.61 -13.82 -1.38
C ALA A 83 -10.67 -14.59 -0.59
N ILE A 84 -11.93 -14.19 -0.73
CA ILE A 84 -13.03 -14.94 -0.11
C ILE A 84 -13.13 -16.35 -0.73
N ALA A 85 -12.90 -16.44 -2.04
CA ALA A 85 -12.90 -17.74 -2.73
C ALA A 85 -11.78 -18.65 -2.22
N MET A 86 -10.72 -18.04 -1.69
CA MET A 86 -9.61 -18.82 -1.12
C MET A 86 -9.87 -19.20 0.32
N GLY A 87 -11.06 -18.88 0.82
CA GLY A 87 -11.46 -19.32 2.14
C GLY A 87 -10.93 -18.53 3.31
N LEU A 88 -10.56 -17.28 3.09
CA LEU A 88 -9.99 -16.45 4.15
C LEU A 88 -11.04 -15.81 5.07
N GLU A 89 -12.32 -15.91 4.67
CA GLU A 89 -13.47 -15.59 5.53
C GLU A 89 -13.74 -14.12 5.84
N LYS A 90 -12.74 -13.45 6.39
CA LYS A 90 -12.83 -12.03 6.73
C LYS A 90 -11.48 -11.40 6.46
N ILE A 91 -11.44 -10.44 5.55
CA ILE A 91 -10.18 -9.85 5.11
C ILE A 91 -10.23 -8.34 5.05
N PHE A 92 -9.07 -7.71 5.22
CA PHE A 92 -8.93 -6.30 4.89
C PHE A 92 -7.54 -6.01 4.34
N VAL A 93 -7.44 -4.89 3.64
CA VAL A 93 -6.16 -4.47 3.07
C VAL A 93 -6.13 -2.96 3.01
N LEU A 94 -4.94 -2.40 3.24
CA LEU A 94 -4.72 -0.98 3.00
C LEU A 94 -4.31 -0.86 1.55
N SER A 95 -5.27 -0.56 0.68
CA SER A 95 -5.10 -0.68 -0.76
C SER A 95 -4.94 0.69 -1.45
N PRO A 96 -3.76 0.95 -2.03
CA PRO A 96 -3.62 2.15 -2.86
C PRO A 96 -4.43 1.98 -4.13
N ASN A 97 -5.18 3.02 -4.51
CA ASN A 97 -5.91 3.05 -5.76
C ASN A 97 -5.35 4.16 -6.64
N ILE A 98 -5.34 3.92 -7.95
CA ILE A 98 -4.95 4.93 -8.93
C ILE A 98 -6.15 5.19 -9.83
N ARG A 99 -6.69 6.40 -9.78
CA ARG A 99 -7.87 6.74 -10.57
C ARG A 99 -7.63 8.10 -11.22
N LEU A 100 -7.31 8.08 -12.51
CA LEU A 100 -6.90 9.31 -13.21
C LEU A 100 -8.09 10.12 -13.67
N GLU A 101 -8.87 10.62 -12.71
CA GLU A 101 -10.09 11.37 -13.01
C GLU A 101 -9.76 12.79 -13.45
N SER A 102 -10.75 13.45 -14.06
CA SER A 102 -10.53 14.74 -14.68
C SER A 102 -10.58 15.88 -13.67
N ARG A 103 -10.24 17.08 -14.12
CA ARG A 103 -10.30 18.26 -13.29
C ARG A 103 -11.70 18.50 -12.74
N ARG A 104 -12.70 17.95 -13.43
CA ARG A 104 -14.09 18.11 -13.03
C ARG A 104 -14.42 17.41 -11.70
N LYS A 105 -13.56 16.47 -11.30
CA LYS A 105 -13.72 15.77 -10.04
C LYS A 105 -12.84 16.35 -8.91
N ASP A 106 -12.16 17.47 -9.17
CA ASP A 106 -11.37 18.12 -8.13
C ASP A 106 -12.30 18.95 -7.24
N ASP A 107 -12.96 18.24 -6.32
CA ASP A 107 -14.00 18.83 -5.47
C ASP A 107 -13.58 18.91 -4.00
N GLY A 108 -12.32 18.58 -3.71
CA GLY A 108 -11.82 18.64 -2.35
C GLY A 108 -11.71 17.31 -1.65
N ARG A 109 -12.39 16.29 -2.16
CA ARG A 109 -12.30 14.96 -1.56
C ARG A 109 -11.66 13.92 -2.47
N HIS A 110 -11.52 14.26 -3.75
CA HIS A 110 -10.89 13.34 -4.71
C HIS A 110 -9.39 13.53 -4.77
N SER A 111 -8.69 12.43 -5.04
CA SER A 111 -7.24 12.42 -5.19
C SER A 111 -6.95 11.33 -6.21
N TYR A 112 -6.03 11.56 -7.15
CA TYR A 112 -5.80 10.56 -8.18
C TYR A 112 -4.98 9.34 -7.72
N GLU A 113 -4.29 9.48 -6.59
CA GLU A 113 -3.81 8.34 -5.81
C GLU A 113 -4.38 8.45 -4.41
N PHE A 114 -4.89 7.36 -3.87
CA PHE A 114 -5.37 7.37 -2.49
C PHE A 114 -5.43 5.94 -1.95
N THR A 115 -5.46 5.81 -0.63
CA THR A 115 -5.53 4.50 -0.02
C THR A 115 -6.89 4.26 0.61
N GLN A 116 -7.47 3.10 0.35
CA GLN A 116 -8.69 2.72 1.05
C GLN A 116 -8.38 1.60 2.02
N LEU A 117 -9.02 1.62 3.19
CA LEU A 117 -9.08 0.41 3.99
C LEU A 117 -10.25 -0.40 3.44
N ASP A 118 -9.92 -1.46 2.73
CA ASP A 118 -10.87 -2.23 1.93
C ASP A 118 -11.08 -3.57 2.62
N PHE A 119 -12.32 -3.90 2.98
CA PHE A 119 -12.57 -5.18 3.68
C PHE A 119 -13.72 -5.98 3.06
N GLU A 120 -13.74 -7.29 3.30
CA GLU A 120 -14.78 -8.16 2.75
C GLU A 120 -15.07 -9.30 3.71
N ILE A 121 -16.34 -9.69 3.79
CA ILE A 121 -16.79 -10.69 4.76
C ILE A 121 -17.66 -11.72 4.07
N GLU A 122 -17.23 -12.99 4.13
CA GLU A 122 -17.99 -14.08 3.55
C GLU A 122 -19.37 -14.17 4.19
N GLY A 123 -20.40 -14.24 3.35
CA GLY A 123 -21.77 -14.41 3.78
C GLY A 123 -22.50 -13.23 4.41
N ALA A 124 -21.83 -12.07 4.51
CA ALA A 124 -22.44 -10.91 5.19
C ALA A 124 -23.52 -10.22 4.36
N LYS A 125 -24.46 -9.58 5.04
CA LYS A 125 -25.55 -8.85 4.38
C LYS A 125 -25.32 -7.35 4.49
N MET A 126 -26.01 -6.56 3.67
CA MET A 126 -25.77 -5.11 3.72
C MET A 126 -25.99 -4.53 5.12
N LYS A 127 -27.01 -5.04 5.83
CA LYS A 127 -27.28 -4.56 7.18
C LYS A 127 -26.09 -4.83 8.12
N ASP A 128 -25.48 -6.01 7.98
CA ASP A 128 -24.32 -6.39 8.79
C ASP A 128 -23.15 -5.45 8.59
N VAL A 129 -22.87 -5.13 7.34
CA VAL A 129 -21.70 -4.33 7.01
C VAL A 129 -21.93 -2.86 7.40
N MET A 130 -23.14 -2.36 7.16
CA MET A 130 -23.45 -0.99 7.52
C MET A 130 -23.33 -0.83 9.04
N ARG A 131 -23.79 -1.83 9.77
CA ARG A 131 -23.70 -1.79 11.22
C ARG A 131 -22.25 -1.84 11.72
N LEU A 132 -21.42 -2.62 11.05
CA LEU A 132 -20.02 -2.72 11.42
C LEU A 132 -19.33 -1.38 11.21
N ILE A 133 -19.62 -0.74 10.08
CA ILE A 133 -19.06 0.57 9.77
C ILE A 133 -19.54 1.62 10.77
N GLU A 134 -20.81 1.57 11.16
CA GLU A 134 -21.30 2.51 12.17
C GLU A 134 -20.51 2.36 13.47
N GLU A 135 -20.25 1.12 13.85
CA GLU A 135 -19.51 0.83 15.08
C GLU A 135 -18.10 1.41 15.01
N LEU A 136 -17.45 1.22 13.86
CA LEU A 136 -16.11 1.75 13.61
C LEU A 136 -16.10 3.28 13.67
N ILE A 137 -17.05 3.89 12.97
CA ILE A 137 -17.08 5.35 12.84
C ILE A 137 -17.43 6.04 14.16
N TYR A 138 -18.45 5.53 14.85
CA TYR A 138 -18.81 6.05 16.16
C TYR A 138 -17.60 6.00 17.10
N GLY A 139 -16.96 4.84 17.18
CA GLY A 139 -15.77 4.68 18.00
C GLY A 139 -14.64 5.64 17.62
N LEU A 140 -14.44 5.82 16.31
CA LEU A 140 -13.40 6.71 15.81
C LEU A 140 -13.66 8.15 16.23
N PHE A 141 -14.91 8.57 16.12
CA PHE A 141 -15.27 9.95 16.45
C PHE A 141 -15.09 10.23 17.95
N ARG A 142 -15.39 9.25 18.80
CA ARG A 142 -15.15 9.41 20.23
C ARG A 142 -13.67 9.58 20.54
N LYS A 143 -12.82 8.78 19.90
CA LYS A 143 -11.38 8.91 20.08
C LYS A 143 -10.86 10.25 19.56
N ALA A 144 -11.39 10.69 18.42
CA ALA A 144 -10.98 11.96 17.81
C ALA A 144 -11.25 13.15 18.73
N GLU A 145 -12.33 13.09 19.49
CA GLU A 145 -12.64 14.12 20.47
C GLU A 145 -11.52 14.22 21.52
N GLU A 146 -10.97 13.08 21.91
CA GLU A 146 -9.86 13.06 22.86
C GLU A 146 -8.58 13.59 22.23
N TRP A 147 -8.35 13.22 20.97
CA TRP A 147 -7.13 13.61 20.26
C TRP A 147 -7.08 15.11 19.98
N THR A 148 -8.24 15.71 19.72
CA THR A 148 -8.30 17.08 19.22
C THR A 148 -8.92 18.06 20.21
N GLY A 149 -9.74 17.54 21.12
CA GLY A 149 -10.48 18.38 22.04
C GLY A 149 -11.67 19.05 21.38
N ARG A 150 -11.96 18.66 20.14
CA ARG A 150 -13.11 19.20 19.43
C ARG A 150 -14.26 18.21 19.44
N GLU A 151 -15.47 18.70 19.16
CA GLU A 151 -16.66 17.86 19.13
C GLU A 151 -16.85 17.24 17.75
N PHE A 152 -17.29 15.99 17.70
CA PHE A 152 -17.64 15.34 16.44
C PHE A 152 -19.05 14.74 16.52
N PRO A 153 -19.65 14.39 15.38
CA PRO A 153 -21.02 13.87 15.40
C PRO A 153 -21.15 12.69 16.36
N ARG A 154 -22.20 12.67 17.17
CA ARG A 154 -22.33 11.67 18.22
C ARG A 154 -23.28 10.50 17.88
N ALA A 155 -23.88 10.53 16.70
CA ALA A 155 -24.81 9.47 16.31
C ALA A 155 -24.15 8.09 16.36
N ARG A 156 -24.84 7.14 16.99
CA ARG A 156 -24.36 5.76 17.06
C ARG A 156 -24.79 5.00 15.81
N HIS A 157 -25.90 5.41 15.21
CA HIS A 157 -26.37 4.85 13.94
C HIS A 157 -26.82 6.01 13.04
N PHE A 158 -26.81 5.78 11.73
CA PHE A 158 -27.05 6.85 10.77
C PHE A 158 -28.32 6.60 9.99
N LYS A 159 -28.99 7.67 9.58
CA LYS A 159 -30.24 7.54 8.81
C LYS A 159 -29.95 6.99 7.42
N VAL A 160 -30.95 6.33 6.84
CA VAL A 160 -30.79 5.67 5.54
C VAL A 160 -31.74 6.23 4.48
N TYR A 161 -31.19 6.59 3.32
CA TYR A 161 -31.97 7.16 2.24
C TYR A 161 -31.72 6.40 0.94
N ASP A 162 -32.76 6.17 0.15
CA ASP A 162 -32.58 5.57 -1.17
C ASP A 162 -31.99 6.61 -2.12
N TYR A 163 -31.07 6.16 -2.97
CA TYR A 163 -30.45 7.03 -3.95
C TYR A 163 -31.50 7.84 -4.74
N LYS A 164 -32.54 7.17 -5.19
CA LYS A 164 -33.62 7.82 -5.94
C LYS A 164 -34.21 8.99 -5.15
N ASP A 165 -34.42 8.79 -3.85
CA ASP A 165 -35.02 9.80 -3.00
C ASP A 165 -34.08 10.97 -2.73
N ILE A 166 -32.78 10.70 -2.68
CA ILE A 166 -31.79 11.75 -2.53
C ILE A 166 -31.88 12.69 -3.73
N LEU A 167 -31.98 12.10 -4.92
CA LEU A 167 -32.05 12.90 -6.14
C LEU A 167 -33.26 13.83 -6.12
N GLU A 168 -34.40 13.28 -5.69
CA GLU A 168 -35.62 14.06 -5.65
C GLU A 168 -35.56 15.18 -4.60
N GLU A 169 -35.07 14.85 -3.40
CA GLU A 169 -35.09 15.80 -2.29
C GLU A 169 -33.99 16.85 -2.37
N PHE A 170 -32.77 16.42 -2.69
CA PHE A 170 -31.63 17.34 -2.67
C PHE A 170 -31.04 17.62 -4.04
N GLY A 171 -31.31 16.73 -4.99
CA GLY A 171 -30.76 16.88 -6.32
C GLY A 171 -29.48 16.11 -6.54
N SER A 172 -28.63 16.06 -5.51
CA SER A 172 -27.37 15.32 -5.59
C SER A 172 -26.87 14.90 -4.21
N ASP A 173 -26.00 13.89 -4.19
CA ASP A 173 -25.34 13.48 -2.97
C ASP A 173 -24.55 14.62 -2.34
N GLU A 174 -23.94 15.45 -3.18
CA GLU A 174 -23.14 16.58 -2.72
C GLU A 174 -24.00 17.61 -2.00
N LYS A 175 -25.17 17.89 -2.57
CA LYS A 175 -26.06 18.87 -1.95
C LYS A 175 -26.63 18.32 -0.65
N ALA A 176 -26.89 17.01 -0.64
CA ALA A 176 -27.34 16.35 0.59
C ALA A 176 -26.28 16.51 1.68
N SER A 177 -25.03 16.23 1.34
CA SER A 177 -23.94 16.37 2.29
C SER A 177 -23.95 17.76 2.93
N MET A 178 -24.14 18.79 2.12
CA MET A 178 -24.13 20.17 2.60
C MET A 178 -25.20 20.48 3.64
N GLU A 179 -26.32 19.75 3.58
CA GLU A 179 -27.46 20.03 4.44
C GLU A 179 -27.43 19.24 5.75
N MET A 180 -26.71 18.13 5.78
CA MET A 180 -26.73 17.26 6.95
C MET A 180 -25.68 17.66 7.99
N GLU A 181 -25.95 17.30 9.24
CA GLU A 181 -25.05 17.59 10.34
C GLU A 181 -24.52 16.31 10.99
N GLU A 182 -24.94 15.16 10.48
CA GLU A 182 -24.35 13.89 10.90
C GLU A 182 -24.17 12.98 9.67
N PRO A 183 -23.35 11.95 9.80
CA PRO A 183 -23.18 11.02 8.66
C PRO A 183 -24.51 10.36 8.31
N PHE A 184 -24.66 9.96 7.04
CA PHE A 184 -25.89 9.29 6.59
C PHE A 184 -25.60 8.31 5.46
N TRP A 185 -26.52 7.38 5.26
CA TRP A 185 -26.35 6.34 4.25
C TRP A 185 -27.17 6.66 3.01
N ILE A 186 -26.57 6.48 1.84
CA ILE A 186 -27.32 6.41 0.59
C ILE A 186 -27.21 4.98 0.07
N VAL A 187 -28.35 4.33 -0.17
CA VAL A 187 -28.39 2.93 -0.57
C VAL A 187 -29.11 2.73 -1.90
N ASN A 188 -28.95 1.54 -2.50
CA ASN A 188 -29.69 1.17 -3.71
C ASN A 188 -29.30 2.04 -4.90
N ILE A 189 -28.03 1.96 -5.29
CA ILE A 189 -27.46 2.77 -6.38
C ILE A 189 -27.11 1.84 -7.54
N PRO A 190 -27.76 2.02 -8.70
CA PRO A 190 -27.39 1.12 -9.80
C PRO A 190 -25.96 1.44 -10.28
N ARG A 191 -25.09 0.44 -10.22
CA ARG A 191 -23.73 0.65 -10.67
C ARG A 191 -23.04 -0.60 -11.23
N GLU A 192 -21.85 -0.94 -10.72
CA GLU A 192 -20.99 -1.96 -11.34
C GLU A 192 -21.49 -3.40 -11.21
N PHE A 193 -20.97 -4.28 -12.05
CA PHE A 193 -21.50 -5.64 -12.17
C PHE A 193 -21.40 -6.42 -10.86
N TYR A 194 -20.39 -6.11 -10.05
CA TYR A 194 -20.12 -6.89 -8.85
C TYR A 194 -21.07 -6.61 -7.68
N ASP A 195 -21.75 -5.46 -7.68
CA ASP A 195 -22.72 -5.18 -6.63
C ASP A 195 -23.96 -6.03 -6.86
N ARG A 196 -24.47 -6.63 -5.80
CA ARG A 196 -25.63 -7.52 -5.88
C ARG A 196 -26.92 -6.77 -6.21
N GLU A 197 -27.58 -7.20 -7.29
CA GLU A 197 -28.87 -6.67 -7.72
C GLU A 197 -29.93 -7.77 -7.64
N GLU A 198 -31.06 -7.47 -7.01
CA GLU A 198 -32.16 -8.43 -6.90
C GLU A 198 -33.48 -7.77 -7.24
N ASN A 199 -34.12 -8.22 -8.32
CA ASN A 199 -35.43 -7.69 -8.70
C ASN A 199 -35.49 -6.16 -8.70
N GLY A 200 -34.46 -5.54 -9.28
CA GLY A 200 -34.44 -4.09 -9.40
C GLY A 200 -33.88 -3.35 -8.21
N VAL A 201 -33.54 -4.08 -7.16
CA VAL A 201 -32.99 -3.46 -5.95
C VAL A 201 -31.51 -3.77 -5.79
N TRP A 202 -30.71 -2.72 -5.60
CA TRP A 202 -29.27 -2.87 -5.46
C TRP A 202 -28.90 -2.90 -3.99
N LYS A 203 -28.15 -3.93 -3.60
CA LYS A 203 -27.85 -4.18 -2.21
C LYS A 203 -26.56 -3.50 -1.81
N ASN A 204 -26.51 -2.19 -1.99
CA ASN A 204 -25.28 -1.45 -1.77
C ASN A 204 -25.50 -0.17 -0.96
N TYR A 205 -24.39 0.50 -0.60
CA TYR A 205 -24.44 1.55 0.41
C TYR A 205 -23.21 2.45 0.33
N ASP A 206 -23.43 3.75 0.42
CA ASP A 206 -22.36 4.75 0.53
C ASP A 206 -22.56 5.51 1.83
N LEU A 207 -21.52 5.66 2.62
CA LEU A 207 -21.58 6.51 3.82
C LEU A 207 -21.14 7.92 3.43
N ILE A 208 -21.99 8.89 3.72
CA ILE A 208 -21.70 10.29 3.38
C ILE A 208 -21.44 11.09 4.64
N LEU A 209 -20.36 11.88 4.64
CA LEU A 209 -20.05 12.75 5.77
C LEU A 209 -20.90 14.02 5.71
N PRO A 210 -21.15 14.64 6.88
CA PRO A 210 -21.93 15.88 6.92
C PRO A 210 -21.10 17.13 6.56
N TYR A 211 -21.75 18.29 6.52
CA TYR A 211 -21.07 19.57 6.35
C TYR A 211 -20.33 19.71 5.02
N GLY A 212 -20.77 18.95 4.03
CA GLY A 212 -20.28 19.09 2.67
C GLY A 212 -19.05 18.25 2.36
N TYR A 213 -18.62 17.45 3.33
CA TYR A 213 -17.41 16.66 3.15
C TYR A 213 -17.56 15.48 2.18
N GLY A 214 -18.79 15.06 1.92
CA GLY A 214 -19.05 14.07 0.89
C GLY A 214 -18.77 12.63 1.29
N GLU A 215 -18.81 11.73 0.30
CA GLU A 215 -18.70 10.30 0.54
C GLU A 215 -17.37 9.90 1.16
N VAL A 216 -17.42 8.99 2.12
CA VAL A 216 -16.21 8.52 2.79
C VAL A 216 -16.04 7.01 2.66
N SER A 217 -17.15 6.31 2.43
CA SER A 217 -17.11 4.85 2.30
C SER A 217 -18.16 4.35 1.30
N SER A 218 -17.87 3.25 0.65
CA SER A 218 -18.78 2.70 -0.36
C SER A 218 -18.64 1.17 -0.37
N GLY A 219 -19.70 0.46 -0.48
CA GLY A 219 -19.66 -0.98 -0.49
C GLY A 219 -20.96 -1.64 -0.95
N GLY A 220 -21.01 -2.96 -0.86
CA GLY A 220 -22.22 -3.68 -1.16
C GLY A 220 -22.08 -5.19 -0.92
N GLU A 221 -23.21 -5.88 -0.91
CA GLU A 221 -23.22 -7.33 -1.10
C GLU A 221 -22.79 -7.60 -2.53
N ARG A 222 -22.38 -8.83 -2.86
CA ARG A 222 -21.84 -9.10 -4.20
C ARG A 222 -22.63 -10.12 -5.01
N GLU A 223 -22.49 -10.03 -6.34
CA GLU A 223 -22.90 -11.10 -7.23
C GLU A 223 -21.85 -12.22 -7.17
N TRP A 224 -22.27 -13.46 -7.33
CA TRP A 224 -21.33 -14.58 -7.35
C TRP A 224 -21.65 -15.61 -8.42
N GLU A 225 -22.77 -15.43 -9.11
CA GLU A 225 -23.21 -16.39 -10.11
C GLU A 225 -22.72 -15.98 -11.51
N TYR A 226 -22.04 -16.89 -12.19
CA TYR A 226 -21.48 -16.64 -13.52
C TYR A 226 -22.48 -16.01 -14.51
N GLU A 227 -23.63 -16.64 -14.69
CA GLU A 227 -24.61 -16.18 -15.67
C GLU A 227 -25.07 -14.75 -15.41
N LYS A 228 -25.32 -14.45 -14.15
CA LYS A 228 -25.81 -13.13 -13.76
C LYS A 228 -24.72 -12.09 -13.99
N ILE A 229 -23.50 -12.44 -13.60
CA ILE A 229 -22.37 -11.54 -13.75
C ILE A 229 -22.11 -11.21 -15.22
N VAL A 230 -22.10 -12.23 -16.07
CA VAL A 230 -21.83 -12.01 -17.50
C VAL A 230 -22.90 -11.15 -18.18
N ALA A 231 -24.16 -11.41 -17.84
CA ALA A 231 -25.25 -10.60 -18.38
C ALA A 231 -25.08 -9.12 -18.02
N LYS A 232 -24.66 -8.85 -16.79
CA LYS A 232 -24.53 -7.47 -16.34
C LYS A 232 -23.38 -6.76 -17.05
N ILE A 233 -22.27 -7.47 -17.21
CA ILE A 233 -21.14 -6.97 -17.97
C ILE A 233 -21.54 -6.62 -19.41
N ARG A 234 -22.20 -7.54 -20.09
CA ARG A 234 -22.63 -7.32 -21.48
C ARG A 234 -23.64 -6.19 -21.62
N ALA A 235 -24.56 -6.08 -20.66
CA ALA A 235 -25.61 -5.07 -20.73
C ALA A 235 -25.05 -3.66 -20.62
N ALA A 236 -23.91 -3.52 -19.93
CA ALA A 236 -23.25 -2.24 -19.76
C ALA A 236 -22.31 -1.91 -20.92
N GLY A 237 -22.21 -2.80 -21.89
CA GLY A 237 -21.32 -2.59 -23.02
C GLY A 237 -19.87 -2.87 -22.70
N LEU A 238 -19.62 -3.46 -21.54
CA LEU A 238 -18.27 -3.87 -21.16
C LEU A 238 -17.93 -5.19 -21.85
N LYS A 239 -16.68 -5.60 -21.78
CA LYS A 239 -16.21 -6.78 -22.51
C LYS A 239 -15.81 -7.90 -21.55
N GLU A 240 -16.31 -9.11 -21.79
CA GLU A 240 -15.91 -10.27 -21.02
C GLU A 240 -14.39 -10.42 -21.04
N ASP A 241 -13.79 -10.09 -22.19
CA ASP A 241 -12.34 -10.21 -22.33
C ASP A 241 -11.57 -9.46 -21.25
N SER A 242 -12.19 -8.40 -20.69
CA SER A 242 -11.52 -7.58 -19.67
C SER A 242 -11.49 -8.22 -18.29
N PHE A 243 -12.18 -9.34 -18.14
CA PHE A 243 -12.32 -9.99 -16.83
C PHE A 243 -12.09 -11.50 -16.92
N ARG A 244 -11.34 -11.92 -17.93
CA ARG A 244 -11.23 -13.35 -18.24
C ARG A 244 -10.92 -14.30 -17.07
N PRO A 245 -9.83 -14.04 -16.32
CA PRO A 245 -9.52 -15.02 -15.25
C PRO A 245 -10.56 -15.04 -14.12
N TYR A 246 -11.11 -13.87 -13.81
CA TYR A 246 -12.18 -13.76 -12.83
C TYR A 246 -13.42 -14.52 -13.28
N LEU A 247 -13.76 -14.40 -14.56
CA LEU A 247 -14.92 -15.11 -15.09
C LEU A 247 -14.68 -16.63 -15.16
N GLU A 248 -13.43 -17.04 -15.26
CA GLU A 248 -13.12 -18.46 -15.23
C GLU A 248 -13.43 -19.03 -13.86
N ILE A 249 -13.10 -18.25 -12.83
CA ILE A 249 -13.33 -18.66 -11.46
C ILE A 249 -14.83 -18.66 -11.15
N ALA A 250 -15.53 -17.66 -11.68
CA ALA A 250 -16.98 -17.61 -11.53
C ALA A 250 -17.68 -18.78 -12.24
N ARG A 251 -17.22 -19.10 -13.44
CA ARG A 251 -17.81 -20.19 -14.21
C ARG A 251 -17.62 -21.52 -13.49
N ALA A 252 -16.52 -21.62 -12.76
CA ALA A 252 -16.18 -22.83 -12.02
C ALA A 252 -17.01 -22.95 -10.75
N GLY A 253 -17.77 -21.91 -10.45
CA GLY A 253 -18.67 -21.90 -9.31
C GLY A 253 -17.95 -21.62 -7.99
N LYS A 254 -16.81 -20.95 -8.07
CA LYS A 254 -15.97 -20.72 -6.90
C LYS A 254 -16.15 -19.36 -6.23
N LEU A 255 -16.96 -18.48 -6.79
CA LEU A 255 -17.25 -17.25 -6.05
C LEU A 255 -18.30 -17.56 -4.99
N LYS A 256 -18.22 -16.88 -3.85
CA LYS A 256 -19.14 -17.10 -2.76
C LYS A 256 -19.86 -15.80 -2.43
N PRO A 257 -21.08 -15.90 -1.89
CA PRO A 257 -21.73 -14.66 -1.44
C PRO A 257 -20.87 -13.96 -0.39
N SER A 258 -20.79 -12.64 -0.48
CA SER A 258 -20.04 -11.85 0.49
C SER A 258 -20.52 -10.42 0.45
N ALA A 259 -20.05 -9.61 1.39
CA ALA A 259 -20.32 -8.18 1.38
C ALA A 259 -19.12 -7.47 1.97
N GLY A 260 -18.91 -6.23 1.57
CA GLY A 260 -17.78 -5.49 2.06
C GLY A 260 -17.89 -4.00 1.79
N ALA A 261 -16.79 -3.30 1.98
CA ALA A 261 -16.73 -1.87 1.72
C ALA A 261 -15.29 -1.40 1.69
N GLY A 262 -15.08 -0.20 1.16
CA GLY A 262 -13.81 0.47 1.32
C GLY A 262 -14.03 1.79 2.06
N ILE A 263 -13.07 2.18 2.87
CA ILE A 263 -13.14 3.43 3.62
C ILE A 263 -11.96 4.32 3.25
N GLY A 264 -12.23 5.55 2.83
CA GLY A 264 -11.17 6.49 2.46
C GLY A 264 -10.41 7.02 3.66
N VAL A 265 -9.15 6.59 3.82
CA VAL A 265 -8.38 6.97 4.99
C VAL A 265 -8.10 8.47 4.99
N GLU A 266 -7.61 8.98 3.86
CA GLU A 266 -7.27 10.40 3.75
C GLU A 266 -8.51 11.30 3.85
N ARG A 267 -9.64 10.79 3.37
CA ARG A 267 -10.89 11.53 3.53
C ARG A 267 -11.29 11.67 5.00
N LEU A 268 -11.04 10.63 5.79
CA LEU A 268 -11.28 10.71 7.23
C LEU A 268 -10.31 11.65 7.91
N VAL A 269 -9.03 11.59 7.54
CA VAL A 269 -8.05 12.53 8.07
C VAL A 269 -8.51 13.96 7.83
N ARG A 270 -8.92 14.23 6.59
CA ARG A 270 -9.44 15.55 6.20
C ARG A 270 -10.61 16.00 7.06
N PHE A 271 -11.54 15.09 7.32
CA PHE A 271 -12.71 15.42 8.14
C PHE A 271 -12.33 15.77 9.58
N ILE A 272 -11.44 14.98 10.17
CA ILE A 272 -11.06 15.17 11.57
C ILE A 272 -10.21 16.42 11.76
N VAL A 273 -9.35 16.70 10.77
CA VAL A 273 -8.53 17.92 10.81
C VAL A 273 -9.35 19.16 10.43
N GLY A 274 -10.40 18.94 9.65
CA GLY A 274 -11.25 20.01 9.19
C GLY A 274 -10.65 20.78 8.03
N ALA A 275 -9.96 20.06 7.15
CA ALA A 275 -9.30 20.66 5.99
C ALA A 275 -10.26 20.87 4.82
N LYS A 276 -10.20 22.06 4.22
CA LYS A 276 -11.03 22.40 3.06
C LYS A 276 -10.75 21.49 1.87
N HIS A 277 -9.47 21.22 1.60
CA HIS A 277 -9.06 20.37 0.49
C HIS A 277 -8.18 19.22 0.97
N ILE A 278 -8.42 18.03 0.44
CA ILE A 278 -7.72 16.83 0.89
C ILE A 278 -6.20 16.94 0.67
N ALA A 279 -5.80 17.78 -0.28
CA ALA A 279 -4.38 17.97 -0.55
C ALA A 279 -3.65 18.47 0.70
N GLU A 280 -4.37 19.21 1.55
CA GLU A 280 -3.74 19.81 2.74
C GLU A 280 -3.27 18.78 3.76
N VAL A 281 -3.76 17.55 3.65
CA VAL A 281 -3.39 16.52 4.62
C VAL A 281 -2.48 15.45 4.02
N GLN A 282 -2.06 15.66 2.77
CA GLN A 282 -1.21 14.70 2.08
C GLN A 282 0.20 15.23 1.90
N PRO A 283 1.21 14.45 2.31
CA PRO A 283 2.60 14.86 2.09
C PRO A 283 2.89 15.11 0.62
N PHE A 284 2.32 14.28 -0.25
CA PHE A 284 2.55 14.39 -1.68
C PHE A 284 1.19 14.45 -2.40
N PRO A 285 0.65 15.66 -2.57
CA PRO A 285 -0.67 15.84 -3.16
C PRO A 285 -0.79 15.20 -4.54
N ARG A 286 -1.98 14.72 -4.85
CA ARG A 286 -2.28 14.09 -6.13
C ARG A 286 -3.63 14.64 -6.61
N VAL A 287 -3.62 15.86 -7.12
CA VAL A 287 -4.85 16.58 -7.42
C VAL A 287 -5.39 16.20 -8.79
N PRO A 288 -6.68 15.81 -8.84
CA PRO A 288 -7.28 15.32 -10.09
C PRO A 288 -7.02 16.27 -11.26
N GLY A 289 -6.42 15.74 -12.32
CA GLY A 289 -6.16 16.52 -13.52
C GLY A 289 -4.86 17.29 -13.53
N ILE A 290 -4.14 17.26 -12.43
CA ILE A 290 -2.88 18.00 -12.34
C ILE A 290 -1.73 17.08 -11.97
N PRO A 291 -0.85 16.79 -12.94
CA PRO A 291 0.24 15.84 -12.67
C PRO A 291 1.17 16.38 -11.58
N ALA A 292 1.39 15.58 -10.54
CA ALA A 292 2.21 16.00 -9.42
C ALA A 292 3.66 16.17 -9.83
N VAL A 293 4.37 17.13 -9.24
CA VAL A 293 5.77 17.33 -9.55
C VAL A 293 6.66 16.40 -8.72
N ILE A 294 6.14 15.94 -7.59
CA ILE A 294 6.78 14.89 -6.80
C ILE A 294 5.73 13.92 -6.26
N MET B 1 0.17 -22.40 -13.49
CA MET B 1 -1.09 -22.26 -12.75
C MET B 1 -2.06 -21.31 -13.42
N ASN B 2 -3.23 -21.83 -13.81
CA ASN B 2 -4.31 -20.97 -14.28
C ASN B 2 -5.00 -20.31 -13.09
N ALA B 3 -6.01 -19.48 -13.36
CA ALA B 3 -6.65 -18.70 -12.29
C ALA B 3 -7.32 -19.57 -11.23
N VAL B 4 -8.05 -20.60 -11.68
CA VAL B 4 -8.71 -21.51 -10.77
C VAL B 4 -7.71 -22.24 -9.87
N GLU B 5 -6.60 -22.67 -10.45
CA GLU B 5 -5.54 -23.33 -9.68
C GLU B 5 -4.92 -22.40 -8.63
N ILE B 6 -4.76 -21.13 -8.99
CA ILE B 6 -4.17 -20.18 -8.06
C ILE B 6 -5.03 -19.98 -6.81
N ILE B 7 -6.34 -19.89 -6.98
CA ILE B 7 -7.21 -19.66 -5.82
C ILE B 7 -7.61 -20.97 -5.14
N SER B 8 -7.14 -22.09 -5.68
CA SER B 8 -7.42 -23.39 -5.06
C SER B 8 -6.32 -23.81 -4.10
N ARG B 9 -5.26 -23.00 -4.01
CA ARG B 9 -4.18 -23.27 -3.08
C ARG B 9 -4.61 -23.01 -1.63
N ASP B 10 -3.93 -23.65 -0.68
CA ASP B 10 -4.13 -23.41 0.74
C ASP B 10 -3.14 -22.36 1.23
N ILE B 11 -3.66 -21.29 1.84
CA ILE B 11 -2.79 -20.21 2.25
C ILE B 11 -3.20 -19.64 3.61
N TYR B 12 -4.16 -20.31 4.25
CA TYR B 12 -4.77 -19.77 5.46
C TYR B 12 -3.76 -19.51 6.57
N LYS B 13 -2.96 -20.52 6.90
CA LYS B 13 -1.98 -20.41 7.96
C LYS B 13 -0.97 -19.29 7.67
N ALA B 14 -0.50 -19.21 6.43
CA ALA B 14 0.43 -18.16 6.03
C ALA B 14 -0.15 -16.75 6.24
N ILE B 15 -1.41 -16.57 5.87
CA ILE B 15 -2.07 -15.28 6.03
C ILE B 15 -2.35 -14.98 7.51
N ASP B 16 -2.64 -16.02 8.27
CA ASP B 16 -2.79 -15.91 9.72
C ASP B 16 -1.50 -15.35 10.33
N ILE B 17 -0.37 -15.93 9.94
CA ILE B 17 0.94 -15.48 10.40
C ILE B 17 1.25 -14.07 9.92
N GLN B 18 0.95 -13.78 8.66
CA GLN B 18 1.19 -12.44 8.11
C GLN B 18 0.44 -11.38 8.91
N THR B 19 -0.78 -11.70 9.32
CA THR B 19 -1.60 -10.78 10.09
C THR B 19 -0.94 -10.46 11.43
N LYS B 20 -0.45 -11.49 12.10
CA LYS B 20 0.25 -11.31 13.37
C LYS B 20 1.55 -10.52 13.17
N ILE B 21 2.23 -10.76 12.06
CA ILE B 21 3.48 -10.04 11.78
C ILE B 21 3.23 -8.54 11.55
N LEU B 22 2.22 -8.23 10.74
CA LEU B 22 1.88 -6.83 10.46
C LEU B 22 1.40 -6.10 11.72
N ASP B 23 0.59 -6.77 12.52
CA ASP B 23 0.17 -6.20 13.81
C ASP B 23 1.42 -5.88 14.65
N TYR B 24 2.33 -6.84 14.76
CA TYR B 24 3.55 -6.65 15.54
C TYR B 24 4.42 -5.50 15.03
N MET B 25 4.71 -5.49 13.73
CA MET B 25 5.64 -4.49 13.20
C MET B 25 5.07 -3.08 13.19
N THR B 26 3.80 -2.93 12.83
CA THR B 26 3.20 -1.59 12.84
C THR B 26 3.18 -1.01 14.27
N LYS B 27 2.85 -1.84 15.26
CA LYS B 27 2.86 -1.39 16.65
C LYS B 27 4.27 -1.04 17.16
N PHE B 28 5.26 -1.81 16.71
CA PHE B 28 6.65 -1.56 17.09
C PHE B 28 7.02 -0.13 16.75
N PHE B 29 6.62 0.32 15.56
CA PHE B 29 6.97 1.66 15.11
C PHE B 29 6.11 2.76 15.72
N THR B 30 4.80 2.54 15.81
CA THR B 30 3.94 3.55 16.42
C THR B 30 4.25 3.73 17.92
N ASP B 31 4.61 2.64 18.60
CA ASP B 31 5.02 2.70 20.00
C ASP B 31 6.25 3.60 20.21
N ARG B 32 7.06 3.72 19.17
CA ARG B 32 8.30 4.48 19.25
C ARG B 32 8.16 5.88 18.66
N GLY B 33 6.92 6.31 18.45
CA GLY B 33 6.63 7.67 18.02
C GLY B 33 6.82 7.94 16.55
N PHE B 34 6.80 6.88 15.74
CA PHE B 34 6.90 7.02 14.29
C PHE B 34 5.55 7.45 13.74
N LYS B 35 5.56 8.32 12.73
CA LYS B 35 4.36 8.66 11.98
C LYS B 35 4.12 7.63 10.90
N TRP B 36 2.86 7.29 10.67
CA TRP B 36 2.48 6.25 9.73
C TRP B 36 1.98 6.92 8.45
N LEU B 37 2.79 6.85 7.40
CA LEU B 37 2.45 7.48 6.12
C LEU B 37 1.84 6.48 5.15
N LEU B 38 1.18 7.01 4.13
CA LEU B 38 0.59 6.17 3.09
C LEU B 38 1.49 6.22 1.86
N PRO B 39 1.44 5.17 1.03
CA PRO B 39 2.41 5.08 -0.06
C PRO B 39 2.01 5.88 -1.30
N ILE B 40 3.00 6.15 -2.16
CA ILE B 40 2.73 6.67 -3.49
C ILE B 40 3.26 5.68 -4.52
N MET B 41 2.53 5.55 -5.62
CA MET B 41 2.85 4.55 -6.63
C MET B 41 3.31 5.17 -7.96
N LEU B 42 3.01 6.45 -8.14
CA LEU B 42 3.38 7.16 -9.37
C LEU B 42 4.06 8.48 -9.05
N SER B 43 5.23 8.70 -9.67
CA SER B 43 5.97 9.94 -9.44
C SER B 43 6.95 10.23 -10.56
N PRO B 44 7.27 11.52 -10.77
CA PRO B 44 8.30 11.88 -11.75
C PRO B 44 9.66 11.31 -11.35
N ILE B 45 9.82 10.98 -10.07
CA ILE B 45 11.09 10.44 -9.57
C ILE B 45 10.90 9.14 -8.78
N THR B 46 11.88 8.25 -8.89
CA THR B 46 11.89 7.04 -8.08
C THR B 46 13.31 6.51 -7.89
N ASP B 47 13.43 5.52 -7.01
CA ASP B 47 14.70 4.82 -6.76
C ASP B 47 15.23 4.26 -8.07
N PRO B 48 16.47 4.64 -8.45
CA PRO B 48 17.07 4.15 -9.69
C PRO B 48 17.47 2.68 -9.58
N LEU B 49 17.71 2.21 -8.35
CA LEU B 49 18.14 0.83 -8.11
C LEU B 49 19.48 0.54 -8.80
N TRP B 50 20.27 1.58 -8.99
CA TRP B 50 21.54 1.46 -9.71
C TRP B 50 22.42 2.69 -9.45
N PRO B 51 23.74 2.48 -9.30
CA PRO B 51 24.42 1.18 -9.29
C PRO B 51 24.06 0.37 -8.05
N ASP B 52 24.11 -0.95 -8.16
CA ASP B 52 23.72 -1.81 -7.05
C ASP B 52 24.09 -3.26 -7.33
N PRO B 53 24.94 -3.84 -6.48
CA PRO B 53 25.42 -5.23 -6.62
C PRO B 53 24.29 -6.23 -6.82
N ALA B 54 23.14 -5.99 -6.20
CA ALA B 54 22.03 -6.94 -6.21
C ALA B 54 21.02 -6.64 -7.32
N GLY B 55 21.30 -5.63 -8.12
CA GLY B 55 20.40 -5.25 -9.21
C GLY B 55 20.88 -5.77 -10.56
N GLU B 56 20.22 -5.32 -11.61
CA GLU B 56 20.61 -5.69 -12.97
C GLU B 56 20.35 -4.56 -13.97
N GLY B 57 20.18 -3.36 -13.44
CA GLY B 57 20.05 -2.17 -14.27
C GLY B 57 18.72 -2.02 -14.98
N ILE B 58 17.66 -2.52 -14.35
CA ILE B 58 16.32 -2.38 -14.92
C ILE B 58 15.82 -0.95 -14.83
N ARG B 59 15.15 -0.50 -15.88
CA ARG B 59 14.60 0.86 -15.91
C ARG B 59 13.12 0.84 -15.50
N PRO B 60 12.72 1.83 -14.68
CA PRO B 60 11.36 1.91 -14.14
C PRO B 60 10.28 1.81 -15.23
N ALA B 61 9.22 1.06 -14.94
CA ALA B 61 8.04 1.04 -15.79
C ALA B 61 7.33 2.38 -15.69
N GLU B 62 6.82 2.87 -16.81
CA GLU B 62 6.27 4.22 -16.86
C GLU B 62 4.84 4.25 -17.39
N VAL B 63 4.10 5.30 -17.03
CA VAL B 63 2.75 5.48 -17.51
C VAL B 63 2.47 6.98 -17.68
N ASP B 64 1.63 7.30 -18.66
CA ASP B 64 1.26 8.70 -18.88
C ASP B 64 0.20 9.15 -17.88
N VAL B 65 0.49 10.24 -17.19
CA VAL B 65 -0.47 10.81 -16.24
C VAL B 65 -0.73 12.26 -16.63
N TYR B 66 -1.88 12.50 -17.25
CA TYR B 66 -2.25 13.82 -17.76
C TYR B 66 -1.16 14.44 -18.62
N GLY B 67 -0.60 13.65 -19.53
CA GLY B 67 0.41 14.13 -20.47
C GLY B 67 1.84 14.12 -19.97
N VAL B 68 2.03 13.70 -18.72
CA VAL B 68 3.37 13.66 -18.14
C VAL B 68 3.81 12.24 -17.84
N ARG B 69 5.04 11.92 -18.20
CA ARG B 69 5.60 10.58 -17.95
C ARG B 69 5.90 10.36 -16.47
N MET B 70 5.23 9.39 -15.85
CA MET B 70 5.40 9.06 -14.44
C MET B 70 6.03 7.69 -14.31
N ARG B 71 6.83 7.51 -13.26
CA ARG B 71 7.46 6.22 -13.00
C ARG B 71 6.75 5.47 -11.88
N LEU B 72 6.53 4.17 -12.08
CA LEU B 72 5.97 3.33 -11.03
C LEU B 72 7.03 3.14 -9.95
N THR B 73 6.60 3.09 -8.69
CA THR B 73 7.53 3.08 -7.57
C THR B 73 8.45 1.86 -7.52
N HIS B 74 9.75 2.10 -7.71
CA HIS B 74 10.79 1.11 -7.48
C HIS B 74 11.01 1.00 -5.97
N SER B 75 11.15 2.16 -5.33
CA SER B 75 11.17 2.28 -3.88
C SER B 75 10.87 3.72 -3.50
N MET B 76 10.40 3.96 -2.28
CA MET B 76 10.09 5.32 -1.84
C MET B 76 11.26 6.03 -1.15
N ILE B 77 12.47 5.56 -1.38
CA ILE B 77 13.64 6.17 -0.73
C ILE B 77 13.66 7.70 -0.83
N LEU B 78 13.47 8.22 -2.05
CA LEU B 78 13.58 9.66 -2.24
C LEU B 78 12.45 10.38 -1.52
N HIS B 79 11.28 9.75 -1.53
CA HIS B 79 10.12 10.32 -0.85
C HIS B 79 10.24 10.26 0.68
N LYS B 80 10.94 9.24 1.19
CA LYS B 80 11.25 9.19 2.62
C LYS B 80 12.12 10.39 3.03
N GLN B 81 13.13 10.68 2.22
CA GLN B 81 14.01 11.82 2.48
C GLN B 81 13.26 13.14 2.42
N LEU B 82 12.30 13.24 1.51
CA LEU B 82 11.48 14.44 1.43
C LEU B 82 10.55 14.58 2.63
N ALA B 83 10.08 13.44 3.17
CA ALA B 83 9.25 13.48 4.37
C ALA B 83 10.04 13.96 5.59
N ILE B 84 11.31 13.57 5.66
CA ILE B 84 12.19 14.10 6.70
C ILE B 84 12.39 15.60 6.50
N ALA B 85 12.58 16.02 5.25
CA ALA B 85 12.74 17.43 4.96
C ALA B 85 11.53 18.25 5.41
N MET B 86 10.37 17.62 5.42
CA MET B 86 9.13 18.28 5.85
C MET B 86 9.02 18.36 7.36
N GLY B 87 9.96 17.75 8.07
CA GLY B 87 10.01 17.83 9.52
C GLY B 87 9.17 16.80 10.25
N LEU B 88 8.94 15.65 9.62
CA LEU B 88 8.13 14.61 10.22
C LEU B 88 8.92 13.72 11.19
N GLU B 89 10.24 13.85 11.17
CA GLU B 89 11.13 13.33 12.22
C GLU B 89 11.38 11.82 12.17
N LYS B 90 10.30 11.06 12.32
CA LYS B 90 10.37 9.60 12.27
C LYS B 90 9.13 9.07 11.54
N ILE B 91 9.37 8.39 10.42
CA ILE B 91 8.26 7.97 9.57
C ILE B 91 8.39 6.51 9.12
N PHE B 92 7.26 5.87 8.87
CA PHE B 92 7.27 4.57 8.22
C PHE B 92 6.05 4.44 7.31
N VAL B 93 6.13 3.51 6.37
CA VAL B 93 5.05 3.30 5.42
C VAL B 93 5.09 1.85 4.95
N LEU B 94 3.93 1.25 4.80
CA LEU B 94 3.82 -0.03 4.10
C LEU B 94 3.75 0.27 2.60
N SER B 95 4.91 0.19 1.95
CA SER B 95 5.07 0.68 0.59
C SER B 95 5.19 -0.46 -0.41
N PRO B 96 4.22 -0.57 -1.32
CA PRO B 96 4.36 -1.53 -2.42
C PRO B 96 5.44 -1.06 -3.37
N ASN B 97 6.22 -2.02 -3.86
CA ASN B 97 7.28 -1.75 -4.81
C ASN B 97 7.02 -2.56 -6.05
N ILE B 98 7.38 -2.00 -7.21
CA ILE B 98 7.28 -2.70 -8.47
C ILE B 98 8.67 -2.75 -9.07
N ARG B 99 9.21 -3.96 -9.22
CA ARG B 99 10.54 -4.15 -9.79
C ARG B 99 10.49 -5.31 -10.78
N LEU B 100 10.52 -4.98 -12.07
CA LEU B 100 10.34 -5.97 -13.12
C LEU B 100 11.65 -6.63 -13.49
N GLU B 101 12.09 -7.55 -12.63
CA GLU B 101 13.37 -8.22 -12.86
C GLU B 101 13.19 -9.48 -13.72
N SER B 102 14.30 -9.99 -14.24
CA SER B 102 14.26 -11.11 -15.18
C SER B 102 14.02 -12.44 -14.46
N ARG B 103 13.80 -13.49 -15.24
CA ARG B 103 13.62 -14.84 -14.72
C ARG B 103 14.80 -15.27 -13.85
N ARG B 104 15.98 -14.75 -14.18
CA ARG B 104 17.19 -15.08 -13.42
C ARG B 104 17.05 -14.73 -11.95
N LYS B 105 16.13 -13.82 -11.65
CA LYS B 105 15.92 -13.39 -10.27
C LYS B 105 14.91 -14.23 -9.52
N ASP B 106 14.28 -15.18 -10.21
CA ASP B 106 13.32 -16.08 -9.57
C ASP B 106 14.05 -17.12 -8.74
N ASP B 107 14.37 -16.75 -7.50
CA ASP B 107 15.25 -17.55 -6.66
C ASP B 107 14.55 -17.98 -5.38
N GLY B 108 13.26 -17.70 -5.29
CA GLY B 108 12.48 -18.11 -4.13
C GLY B 108 12.19 -16.98 -3.17
N ARG B 109 12.95 -15.90 -3.28
CA ARG B 109 12.73 -14.78 -2.40
C ARG B 109 12.35 -13.52 -3.11
N HIS B 110 12.52 -13.44 -4.44
CA HIS B 110 12.14 -12.28 -5.24
C HIS B 110 10.71 -12.37 -5.77
N SER B 111 10.09 -11.20 -5.90
CA SER B 111 8.73 -11.06 -6.40
C SER B 111 8.71 -9.73 -7.16
N TYR B 112 8.00 -9.65 -8.28
CA TYR B 112 8.02 -8.38 -9.01
C TYR B 112 7.10 -7.30 -8.42
N GLU B 113 6.18 -7.71 -7.55
CA GLU B 113 5.45 -6.80 -6.67
C GLU B 113 5.65 -7.31 -5.26
N PHE B 114 5.90 -6.43 -4.34
CA PHE B 114 6.05 -6.78 -2.93
C PHE B 114 5.93 -5.54 -2.06
N THR B 115 5.72 -5.75 -0.76
CA THR B 115 5.60 -4.62 0.16
C THR B 115 6.79 -4.56 1.10
N GLN B 116 7.38 -3.37 1.26
CA GLN B 116 8.38 -3.14 2.28
C GLN B 116 7.75 -2.29 3.38
N LEU B 117 8.03 -2.64 4.64
CA LEU B 117 7.86 -1.67 5.72
C LEU B 117 9.09 -0.77 5.69
N ASP B 118 8.91 0.44 5.17
CA ASP B 118 10.00 1.35 4.87
C ASP B 118 9.99 2.46 5.90
N PHE B 119 11.11 2.72 6.56
CA PHE B 119 11.13 3.73 7.61
C PHE B 119 12.35 4.63 7.53
N GLU B 120 12.23 5.83 8.07
CA GLU B 120 13.35 6.78 8.06
C GLU B 120 13.36 7.62 9.34
N ILE B 121 14.56 7.95 9.80
CA ILE B 121 14.74 8.67 11.05
C ILE B 121 15.73 9.81 10.86
N GLU B 122 15.27 11.04 11.10
CA GLU B 122 16.17 12.19 11.04
C GLU B 122 17.29 12.09 12.08
N GLY B 123 18.52 12.37 11.63
CA GLY B 123 19.66 12.43 12.53
C GLY B 123 20.25 11.10 12.96
N ALA B 124 19.59 10.02 12.56
CA ALA B 124 20.00 8.67 12.98
C ALA B 124 21.31 8.25 12.33
N LYS B 125 22.05 7.39 13.01
CA LYS B 125 23.29 6.85 12.47
C LYS B 125 23.13 5.37 12.21
N MET B 126 24.04 4.79 11.43
CA MET B 126 23.89 3.40 11.03
C MET B 126 23.80 2.45 12.22
N LYS B 127 24.61 2.67 13.24
CA LYS B 127 24.55 1.82 14.43
C LYS B 127 23.20 1.88 15.14
N ASP B 128 22.57 3.05 15.13
CA ASP B 128 21.24 3.23 15.72
C ASP B 128 20.19 2.38 15.02
N VAL B 129 20.19 2.43 13.70
CA VAL B 129 19.17 1.72 12.93
C VAL B 129 19.36 0.22 13.00
N MET B 130 20.61 -0.24 12.96
CA MET B 130 20.90 -1.66 13.03
C MET B 130 20.44 -2.20 14.38
N ARG B 131 20.71 -1.45 15.44
CA ARG B 131 20.24 -1.83 16.77
C ARG B 131 18.72 -1.86 16.85
N LEU B 132 18.07 -0.90 16.20
CA LEU B 132 16.60 -0.89 16.15
C LEU B 132 16.04 -2.12 15.43
N ILE B 133 16.62 -2.47 14.29
CA ILE B 133 16.15 -3.62 13.54
C ILE B 133 16.39 -4.90 14.33
N GLU B 134 17.52 -4.97 15.04
CA GLU B 134 17.81 -6.15 15.85
C GLU B 134 16.75 -6.32 16.93
N GLU B 135 16.35 -5.20 17.52
CA GLU B 135 15.33 -5.19 18.55
C GLU B 135 14.00 -5.68 17.98
N LEU B 136 13.66 -5.20 16.79
CA LEU B 136 12.42 -5.62 16.14
C LEU B 136 12.43 -7.13 15.84
N ILE B 137 13.52 -7.61 15.25
CA ILE B 137 13.61 -9.02 14.84
C ILE B 137 13.63 -9.98 16.03
N TYR B 138 14.41 -9.64 17.06
CA TYR B 138 14.46 -10.46 18.27
C TYR B 138 13.07 -10.63 18.89
N GLY B 139 12.35 -9.52 19.03
CA GLY B 139 11.01 -9.55 19.57
C GLY B 139 10.04 -10.33 18.70
N LEU B 140 10.14 -10.15 17.38
CA LEU B 140 9.30 -10.88 16.46
C LEU B 140 9.54 -12.38 16.56
N PHE B 141 10.81 -12.77 16.62
CA PHE B 141 11.17 -14.19 16.69
C PHE B 141 10.68 -14.84 17.97
N ARG B 142 10.71 -14.12 19.09
CA ARG B 142 10.18 -14.66 20.33
C ARG B 142 8.67 -14.85 20.25
N LYS B 143 7.97 -13.89 19.64
CA LYS B 143 6.54 -14.02 19.41
C LYS B 143 6.24 -15.19 18.47
N ALA B 144 7.04 -15.31 17.42
CA ALA B 144 6.84 -16.37 16.44
C ALA B 144 6.94 -17.76 17.07
N GLU B 145 7.74 -17.86 18.14
CA GLU B 145 7.85 -19.13 18.85
C GLU B 145 6.53 -19.47 19.55
N GLU B 146 5.85 -18.45 20.07
CA GLU B 146 4.54 -18.64 20.67
C GLU B 146 3.49 -18.99 19.63
N TRP B 147 3.51 -18.28 18.50
CA TRP B 147 2.55 -18.49 17.42
C TRP B 147 2.65 -19.87 16.79
N THR B 148 3.86 -20.38 16.66
CA THR B 148 4.12 -21.58 15.86
C THR B 148 4.52 -22.80 16.67
N GLY B 149 5.03 -22.58 17.87
CA GLY B 149 5.51 -23.68 18.70
C GLY B 149 6.83 -24.25 18.22
N ARG B 150 7.45 -23.56 17.25
CA ARG B 150 8.77 -23.95 16.76
C ARG B 150 9.84 -22.96 17.20
N GLU B 151 11.10 -23.35 17.10
CA GLU B 151 12.21 -22.54 17.59
C GLU B 151 12.80 -21.64 16.50
N PHE B 152 13.16 -20.42 16.88
CA PHE B 152 13.76 -19.45 15.95
C PHE B 152 15.11 -18.96 16.48
N PRO B 153 15.92 -18.33 15.61
CA PRO B 153 17.23 -17.83 16.02
C PRO B 153 17.15 -17.01 17.31
N ARG B 154 18.13 -17.22 18.19
CA ARG B 154 18.06 -16.66 19.54
C ARG B 154 18.77 -15.32 19.68
N ALA B 155 19.88 -15.18 18.98
CA ALA B 155 20.78 -14.03 19.15
C ALA B 155 20.06 -12.68 19.32
N ARG B 156 20.57 -11.88 20.24
CA ARG B 156 20.05 -10.55 20.46
C ARG B 156 20.76 -9.55 19.54
N HIS B 157 21.99 -9.89 19.15
CA HIS B 157 22.73 -9.07 18.18
C HIS B 157 23.42 -9.97 17.15
N PHE B 158 23.53 -9.47 15.93
CA PHE B 158 24.02 -10.28 14.81
C PHE B 158 25.45 -9.93 14.43
N LYS B 159 26.16 -10.91 13.90
CA LYS B 159 27.54 -10.69 13.46
C LYS B 159 27.55 -9.70 12.31
N VAL B 160 28.59 -8.86 12.25
CA VAL B 160 28.72 -7.88 11.17
C VAL B 160 29.89 -8.23 10.24
N TYR B 161 29.58 -8.40 8.97
CA TYR B 161 30.59 -8.66 7.94
C TYR B 161 30.72 -7.44 7.05
N ASP B 162 31.95 -7.08 6.70
CA ASP B 162 32.16 -6.10 5.64
C ASP B 162 31.88 -6.80 4.32
N TYR B 163 31.36 -6.04 3.35
CA TYR B 163 30.97 -6.59 2.06
C TYR B 163 32.10 -7.36 1.37
N LYS B 164 33.30 -6.78 1.39
CA LYS B 164 34.45 -7.40 0.73
C LYS B 164 34.88 -8.69 1.41
N ASP B 165 34.60 -8.80 2.71
CA ASP B 165 34.91 -10.01 3.45
C ASP B 165 33.92 -11.13 3.16
N ILE B 166 32.68 -10.76 2.85
CA ILE B 166 31.71 -11.75 2.39
C ILE B 166 32.15 -12.31 1.04
N LEU B 167 32.61 -11.43 0.16
CA LEU B 167 33.05 -11.85 -1.15
C LEU B 167 34.24 -12.80 -1.06
N GLU B 168 35.15 -12.51 -0.15
CA GLU B 168 36.36 -13.31 0.01
C GLU B 168 36.05 -14.69 0.59
N GLU B 169 35.25 -14.73 1.65
CA GLU B 169 35.00 -15.99 2.36
C GLU B 169 33.96 -16.88 1.71
N PHE B 170 32.87 -16.28 1.24
CA PHE B 170 31.75 -17.05 0.71
C PHE B 170 31.55 -16.89 -0.80
N GLY B 171 32.04 -15.78 -1.34
CA GLY B 171 31.88 -15.52 -2.76
C GLY B 171 30.69 -14.63 -3.08
N SER B 172 29.60 -14.80 -2.34
CA SER B 172 28.41 -13.98 -2.52
C SER B 172 27.52 -14.02 -1.29
N ASP B 173 26.56 -13.10 -1.24
CA ASP B 173 25.64 -13.00 -0.11
C ASP B 173 24.76 -14.23 0.02
N GLU B 174 24.48 -14.87 -1.12
CA GLU B 174 23.63 -16.05 -1.14
C GLU B 174 24.32 -17.23 -0.47
N LYS B 175 25.58 -17.45 -0.83
CA LYS B 175 26.36 -18.53 -0.26
C LYS B 175 26.53 -18.36 1.25
N ALA B 176 26.72 -17.12 1.67
CA ALA B 176 26.82 -16.83 3.10
C ALA B 176 25.53 -17.24 3.81
N SER B 177 24.40 -16.81 3.25
CA SER B 177 23.10 -17.12 3.83
C SER B 177 22.95 -18.62 4.10
N MET B 178 23.39 -19.43 3.15
CA MET B 178 23.20 -20.87 3.23
C MET B 178 24.03 -21.52 4.35
N GLU B 179 25.11 -20.86 4.75
CA GLU B 179 26.04 -21.46 5.72
C GLU B 179 25.91 -20.88 7.13
N MET B 180 24.95 -19.99 7.31
CA MET B 180 24.73 -19.39 8.63
C MET B 180 23.47 -19.97 9.28
N GLU B 181 23.45 -19.98 10.62
CA GLU B 181 22.28 -20.42 11.36
C GLU B 181 21.67 -19.27 12.14
N GLU B 182 22.30 -18.09 12.03
CA GLU B 182 21.81 -16.89 12.66
C GLU B 182 21.76 -15.75 11.63
N PRO B 183 20.82 -14.81 11.81
CA PRO B 183 20.79 -13.64 10.94
C PRO B 183 22.11 -12.89 11.07
N PHE B 184 22.55 -12.24 10.00
CA PHE B 184 23.80 -11.48 10.06
C PHE B 184 23.75 -10.24 9.18
N TRP B 185 24.63 -9.29 9.46
CA TRP B 185 24.68 -8.04 8.73
C TRP B 185 25.78 -8.05 7.68
N ILE B 186 25.52 -7.45 6.53
CA ILE B 186 26.57 -7.10 5.58
C ILE B 186 26.61 -5.58 5.44
N VAL B 187 27.79 -4.99 5.61
CA VAL B 187 27.91 -3.54 5.62
C VAL B 187 28.95 -3.04 4.62
N ASN B 188 28.93 -1.74 4.35
CA ASN B 188 29.93 -1.10 3.49
C ASN B 188 29.84 -1.58 2.04
N ILE B 189 28.68 -1.38 1.44
CA ILE B 189 28.41 -1.83 0.08
C ILE B 189 28.25 -0.65 -0.86
N PRO B 190 29.13 -0.54 -1.86
CA PRO B 190 28.98 0.55 -2.84
C PRO B 190 27.71 0.40 -3.67
N ARG B 191 26.82 1.39 -3.62
CA ARG B 191 25.61 1.34 -4.45
C ARG B 191 25.05 2.71 -4.84
N GLU B 192 23.76 2.94 -4.61
CA GLU B 192 23.08 4.14 -5.11
C GLU B 192 23.56 5.45 -4.48
N PHE B 193 23.23 6.56 -5.13
CA PHE B 193 23.73 7.88 -4.74
C PHE B 193 23.24 8.34 -3.37
N TYR B 194 22.06 7.88 -2.96
CA TYR B 194 21.45 8.36 -1.72
C TYR B 194 22.08 7.79 -0.44
N ASP B 195 22.81 6.69 -0.56
CA ASP B 195 23.49 6.12 0.59
C ASP B 195 24.74 6.93 0.91
N ARG B 196 24.97 7.23 2.18
CA ARG B 196 26.10 8.06 2.57
C ARG B 196 27.46 7.36 2.41
N GLU B 197 28.37 8.02 1.71
CA GLU B 197 29.74 7.53 1.58
C GLU B 197 30.69 8.54 2.19
N GLU B 198 31.56 8.08 3.08
CA GLU B 198 32.58 8.92 3.70
C GLU B 198 33.94 8.25 3.60
N ASN B 199 34.87 8.88 2.90
CA ASN B 199 36.23 8.37 2.80
C ASN B 199 36.30 6.95 2.27
N GLY B 200 35.52 6.66 1.23
CA GLY B 200 35.50 5.35 0.62
C GLY B 200 34.72 4.33 1.42
N VAL B 201 34.14 4.76 2.54
CA VAL B 201 33.34 3.88 3.38
C VAL B 201 31.85 4.21 3.26
N TRP B 202 31.05 3.20 2.92
CA TRP B 202 29.61 3.39 2.75
C TRP B 202 28.87 3.02 4.04
N LYS B 203 28.06 3.95 4.54
CA LYS B 203 27.40 3.78 5.82
C LYS B 203 26.07 3.08 5.66
N ASN B 204 26.11 1.86 5.15
CA ASN B 204 24.89 1.11 4.88
C ASN B 204 24.97 -0.34 5.37
N TYR B 205 23.85 -1.05 5.26
CA TYR B 205 23.72 -2.34 5.91
C TYR B 205 22.58 -3.17 5.31
N ASP B 206 22.84 -4.47 5.13
CA ASP B 206 21.81 -5.42 4.71
C ASP B 206 21.70 -6.49 5.79
N LEU B 207 20.47 -6.83 6.18
CA LEU B 207 20.27 -7.94 7.11
C LEU B 207 19.93 -9.21 6.32
N ILE B 208 20.72 -10.26 6.55
CA ILE B 208 20.57 -11.51 5.82
C ILE B 208 20.03 -12.61 6.72
N LEU B 209 19.01 -13.32 6.25
CA LEU B 209 18.47 -14.44 7.01
C LEU B 209 19.35 -15.68 6.83
N PRO B 210 19.36 -16.56 7.85
CA PRO B 210 20.14 -17.80 7.79
C PRO B 210 19.45 -18.87 6.93
N TYR B 211 20.11 -20.02 6.80
CA TYR B 211 19.53 -21.17 6.12
C TYR B 211 19.14 -20.90 4.66
N GLY B 212 19.83 -19.96 4.02
CA GLY B 212 19.62 -19.69 2.61
C GLY B 212 18.42 -18.81 2.25
N TYR B 213 17.71 -18.32 3.26
CA TYR B 213 16.54 -17.47 3.01
C TYR B 213 16.89 -16.09 2.46
N GLY B 214 18.15 -15.67 2.65
CA GLY B 214 18.63 -14.45 2.02
C GLY B 214 18.19 -13.14 2.65
N GLU B 215 18.48 -12.04 1.95
CA GLU B 215 18.23 -10.70 2.48
C GLU B 215 16.79 -10.43 2.87
N VAL B 216 16.61 -9.78 4.02
CA VAL B 216 15.27 -9.44 4.49
C VAL B 216 15.12 -7.93 4.75
N SER B 217 16.25 -7.24 4.88
CA SER B 217 16.22 -5.79 5.14
C SER B 217 17.46 -5.07 4.60
N SER B 218 17.30 -3.82 4.20
CA SER B 218 18.40 -3.06 3.61
C SER B 218 18.21 -1.57 3.87
N GLY B 219 19.30 -0.87 4.18
CA GLY B 219 19.20 0.55 4.45
C GLY B 219 20.55 1.21 4.64
N GLY B 220 20.53 2.44 5.12
CA GLY B 220 21.75 3.17 5.41
C GLY B 220 21.53 4.61 5.83
N GLU B 221 22.62 5.28 6.15
CA GLU B 221 22.61 6.73 6.34
C GLU B 221 22.54 7.34 4.96
N ARG B 222 22.07 8.58 4.87
CA ARG B 222 21.83 9.21 3.58
C ARG B 222 22.75 10.39 3.30
N GLU B 223 23.02 10.63 2.02
CA GLU B 223 23.62 11.88 1.58
C GLU B 223 22.53 12.95 1.62
N TRP B 224 22.90 14.19 1.92
CA TRP B 224 21.92 15.26 1.97
C TRP B 224 22.44 16.54 1.35
N GLU B 225 23.74 16.57 1.06
CA GLU B 225 24.36 17.75 0.48
C GLU B 225 24.32 17.70 -1.04
N TYR B 226 23.80 18.77 -1.64
CA TYR B 226 23.63 18.86 -3.09
C TYR B 226 24.88 18.47 -3.88
N GLU B 227 26.02 19.05 -3.54
CA GLU B 227 27.25 18.80 -4.31
C GLU B 227 27.64 17.33 -4.28
N LYS B 228 27.53 16.72 -3.10
CA LYS B 228 27.88 15.30 -2.95
C LYS B 228 26.95 14.41 -3.76
N ILE B 229 25.66 14.75 -3.75
CA ILE B 229 24.66 13.96 -4.46
C ILE B 229 24.85 14.03 -5.97
N VAL B 230 25.01 15.24 -6.48
CA VAL B 230 25.18 15.47 -7.92
C VAL B 230 26.40 14.73 -8.48
N ALA B 231 27.49 14.75 -7.73
CA ALA B 231 28.72 14.11 -8.16
C ALA B 231 28.52 12.61 -8.36
N LYS B 232 27.81 11.99 -7.43
CA LYS B 232 27.62 10.54 -7.47
C LYS B 232 26.69 10.12 -8.60
N ILE B 233 25.65 10.91 -8.85
CA ILE B 233 24.75 10.65 -9.97
C ILE B 233 25.49 10.74 -11.30
N ARG B 234 26.23 11.82 -11.47
CA ARG B 234 26.97 12.06 -12.71
C ARG B 234 28.04 10.98 -12.96
N ALA B 235 28.71 10.55 -11.91
CA ALA B 235 29.75 9.55 -12.02
C ALA B 235 29.17 8.19 -12.38
N ALA B 236 27.93 7.96 -11.96
CA ALA B 236 27.26 6.68 -12.21
C ALA B 236 26.69 6.61 -13.62
N GLY B 237 26.64 7.76 -14.30
CA GLY B 237 26.10 7.81 -15.64
C GLY B 237 24.61 8.08 -15.65
N LEU B 238 24.04 8.28 -14.46
CA LEU B 238 22.63 8.61 -14.35
C LEU B 238 22.41 10.05 -14.79
N LYS B 239 21.23 10.33 -15.31
CA LYS B 239 20.89 11.68 -15.76
C LYS B 239 20.27 12.52 -14.64
N GLU B 240 20.76 13.74 -14.47
CA GLU B 240 20.27 14.63 -13.43
C GLU B 240 18.79 14.97 -13.63
N ASP B 241 18.36 15.04 -14.88
CA ASP B 241 16.98 15.36 -15.21
C ASP B 241 16.01 14.36 -14.56
N SER B 242 16.48 13.14 -14.39
CA SER B 242 15.66 12.07 -13.82
C SER B 242 15.27 12.35 -12.36
N PHE B 243 15.92 13.33 -11.75
CA PHE B 243 15.73 13.58 -10.31
C PHE B 243 15.51 15.06 -10.01
N ARG B 244 15.05 15.80 -11.01
CA ARG B 244 14.98 17.25 -10.97
C ARG B 244 14.40 17.87 -9.69
N PRO B 245 13.15 17.52 -9.34
CA PRO B 245 12.53 18.16 -8.16
C PRO B 245 13.21 17.77 -6.85
N TYR B 246 13.76 16.55 -6.80
CA TYR B 246 14.56 16.12 -5.66
C TYR B 246 15.82 16.96 -5.55
N LEU B 247 16.48 17.21 -6.68
CA LEU B 247 17.71 17.99 -6.69
C LEU B 247 17.46 19.46 -6.37
N GLU B 248 16.26 19.95 -6.69
CA GLU B 248 15.89 21.32 -6.35
C GLU B 248 15.82 21.49 -4.84
N ILE B 249 15.29 20.47 -4.18
CA ILE B 249 15.19 20.49 -2.73
C ILE B 249 16.57 20.36 -2.08
N ALA B 250 17.42 19.53 -2.67
CA ALA B 250 18.80 19.41 -2.22
C ALA B 250 19.55 20.73 -2.39
N ARG B 251 19.33 21.39 -3.51
CA ARG B 251 19.99 22.66 -3.81
C ARG B 251 19.54 23.75 -2.85
N ALA B 252 18.26 23.72 -2.49
CA ALA B 252 17.71 24.68 -1.54
C ALA B 252 18.18 24.38 -0.12
N GLY B 253 18.95 23.31 0.04
CA GLY B 253 19.55 22.96 1.31
C GLY B 253 18.54 22.49 2.34
N LYS B 254 17.49 21.83 1.86
CA LYS B 254 16.39 21.38 2.71
C LYS B 254 16.47 19.91 3.13
N LEU B 255 17.30 19.13 2.44
CA LEU B 255 17.51 17.74 2.85
C LEU B 255 18.25 17.72 4.18
N LYS B 256 17.94 16.75 5.02
CA LYS B 256 18.53 16.65 6.34
C LYS B 256 19.23 15.31 6.50
N PRO B 257 20.26 15.26 7.35
CA PRO B 257 20.86 13.98 7.71
C PRO B 257 19.81 13.03 8.27
N SER B 258 19.87 11.77 7.83
CA SER B 258 18.91 10.77 8.28
C SER B 258 19.46 9.38 7.99
N ALA B 259 18.77 8.37 8.50
CA ALA B 259 19.10 6.98 8.21
C ALA B 259 17.81 6.17 8.30
N GLY B 260 17.75 5.07 7.57
CA GLY B 260 16.59 4.23 7.62
C GLY B 260 16.84 2.88 6.98
N ALA B 261 15.76 2.18 6.67
CA ALA B 261 15.82 0.87 6.09
C ALA B 261 14.44 0.45 5.62
N GLY B 262 14.41 -0.59 4.79
CA GLY B 262 13.16 -1.23 4.43
C GLY B 262 13.22 -2.67 4.88
N ILE B 263 12.07 -3.20 5.29
CA ILE B 263 11.95 -4.59 5.73
C ILE B 263 10.93 -5.33 4.86
N GLY B 264 11.35 -6.42 4.23
CA GLY B 264 10.48 -7.19 3.35
C GLY B 264 9.46 -8.03 4.11
N VAL B 265 8.20 -7.60 4.08
CA VAL B 265 7.16 -8.27 4.84
C VAL B 265 6.93 -9.70 4.37
N GLU B 266 6.73 -9.89 3.07
CA GLU B 266 6.52 -11.24 2.56
C GLU B 266 7.71 -12.16 2.83
N ARG B 267 8.92 -11.61 2.78
CA ARG B 267 10.10 -12.40 3.08
C ARG B 267 10.12 -12.90 4.53
N LEU B 268 9.64 -12.07 5.45
CA LEU B 268 9.51 -12.50 6.84
C LEU B 268 8.42 -13.54 7.00
N VAL B 269 7.32 -13.38 6.28
CA VAL B 269 6.24 -14.36 6.37
C VAL B 269 6.77 -15.71 5.91
N ARG B 270 7.49 -15.69 4.79
CA ARG B 270 8.12 -16.88 4.25
C ARG B 270 9.04 -17.57 5.26
N PHE B 271 9.88 -16.79 5.93
CA PHE B 271 10.85 -17.34 6.87
C PHE B 271 10.16 -18.02 8.06
N ILE B 272 9.09 -17.40 8.55
CA ILE B 272 8.38 -17.89 9.73
C ILE B 272 7.49 -19.11 9.44
N VAL B 273 6.85 -19.10 8.26
CA VAL B 273 6.08 -20.26 7.81
C VAL B 273 7.01 -21.41 7.39
N GLY B 274 8.21 -21.04 6.94
CA GLY B 274 9.16 -22.01 6.44
C GLY B 274 8.89 -22.45 5.01
N ALA B 275 8.36 -21.53 4.19
CA ALA B 275 8.05 -21.84 2.79
C ALA B 275 9.28 -21.80 1.90
N LYS B 276 9.39 -22.75 0.98
CA LYS B 276 10.55 -22.81 0.09
C LYS B 276 10.50 -21.71 -0.98
N HIS B 277 9.31 -21.41 -1.48
CA HIS B 277 9.15 -20.32 -2.42
C HIS B 277 8.18 -19.28 -1.91
N ILE B 278 8.52 -18.01 -2.10
CA ILE B 278 7.74 -16.91 -1.54
C ILE B 278 6.33 -16.83 -2.15
N ALA B 279 6.15 -17.48 -3.30
CA ALA B 279 4.84 -17.49 -3.94
C ALA B 279 3.83 -18.22 -3.07
N GLU B 280 4.32 -19.15 -2.26
CA GLU B 280 3.46 -19.97 -1.41
C GLU B 280 2.75 -19.18 -0.32
N VAL B 281 3.23 -17.98 -0.02
CA VAL B 281 2.60 -17.16 1.03
C VAL B 281 1.86 -15.97 0.45
N GLN B 282 1.71 -15.93 -0.88
CA GLN B 282 1.01 -14.84 -1.53
C GLN B 282 -0.27 -15.31 -2.20
N PRO B 283 -1.41 -14.68 -1.84
CA PRO B 283 -2.67 -14.99 -2.52
C PRO B 283 -2.54 -14.84 -4.03
N PHE B 284 -1.84 -13.80 -4.48
CA PHE B 284 -1.68 -13.56 -5.91
C PHE B 284 -0.19 -13.46 -6.27
N PRO B 285 0.41 -14.59 -6.65
CA PRO B 285 1.86 -14.64 -6.89
C PRO B 285 2.30 -13.65 -7.97
N ARG B 286 3.51 -13.12 -7.81
CA ARG B 286 4.08 -12.18 -8.78
C ARG B 286 5.51 -12.64 -9.04
N VAL B 287 5.65 -13.74 -9.77
CA VAL B 287 6.94 -14.40 -9.97
C VAL B 287 7.76 -13.74 -11.07
N PRO B 288 9.02 -13.40 -10.76
CA PRO B 288 9.89 -12.74 -11.75
C PRO B 288 9.89 -13.48 -13.09
N GLY B 289 9.57 -12.75 -14.15
CA GLY B 289 9.59 -13.29 -15.49
C GLY B 289 8.31 -13.97 -15.90
N ILE B 290 7.38 -14.10 -14.96
CA ILE B 290 6.10 -14.75 -15.22
C ILE B 290 4.95 -13.78 -14.99
N PRO B 291 4.44 -13.17 -16.07
CA PRO B 291 3.34 -12.22 -15.87
C PRO B 291 2.14 -12.91 -15.22
N ALA B 292 1.63 -12.33 -14.13
CA ALA B 292 0.59 -12.97 -13.36
C ALA B 292 -0.71 -13.10 -14.16
N VAL B 293 -1.43 -14.20 -13.94
CA VAL B 293 -2.69 -14.40 -14.64
C VAL B 293 -3.81 -13.64 -13.90
N ILE B 294 -3.61 -13.42 -12.61
CA ILE B 294 -4.51 -12.61 -11.79
C ILE B 294 -3.70 -11.83 -10.75
N ASP C . -14.22 -0.62 -2.05
CA ASP C . -15.60 -0.50 -2.51
C ASP C . -16.37 -1.79 -2.28
O ASP C . -17.41 -2.02 -2.89
CB ASP C . -15.63 -0.12 -3.99
CG ASP C . -14.89 1.17 -4.28
OD1 ASP C . -15.54 2.23 -4.36
OD2 ASP C . -13.65 1.12 -4.42
OXT ASP C . -15.91 -2.71 -1.41
N ASP D . 14.39 0.78 1.70
CA ASP D . 15.82 0.80 1.45
C ASP D . 16.51 1.99 2.10
O ASP D . 16.04 2.51 3.12
CB ASP D . 16.10 0.75 -0.06
CG ASP D . 15.68 -0.55 -0.70
OD1 ASP D . 16.31 -1.59 -0.41
OD2 ASP D . 14.71 -0.54 -1.48
OXT ASP D . 17.60 2.48 1.76
#